data_5TK6
#
_entry.id   5TK6
#
_cell.length_a   142.588
_cell.length_b   142.588
_cell.length_c   53.800
_cell.angle_alpha   90.00
_cell.angle_beta   90.00
_cell.angle_gamma   120.00
#
_symmetry.space_group_name_H-M   'H 3 2'
#
loop_
_entity.id
_entity.type
_entity.pdbx_description
1 polymer 'OxsA protein'
2 non-polymer 'MAGNESIUM ION'
3 non-polymer '[(2S,3R,4R)-4-(6-amino-9H-purin-9-yl)-3-(hydroxymethyl)oxetan-2-yl]methyl trihydrogen diphosphate'
4 water water
#
_entity_poly.entity_id   1
_entity_poly.type   'polypeptide(L)'
_entity_poly.pdbx_seq_one_letter_code
;MSSLLDIIYQLRQVPRWDGSFQFEKEDVSQHSFSVIAISHILCELKETLEGKKINKEKLLLYALYHDVTEVVSTHIISPV
KKNSILKDPFNAFREQIKNSLFDNLPITLSDTLSTILNNNDLEIQEIVEHADHVDAYCKSCIEVHRGNKDFISIQRSLGD
KLDNLTKEYPYLKEFQNLFLKDFPLENKNYRYLN
;
_entity_poly.pdbx_strand_id   A
#
# COMPACT_ATOMS: atom_id res chain seq x y z
N SER A 2 -20.03 14.79 -9.21
CA SER A 2 -18.85 14.34 -8.48
C SER A 2 -17.89 13.54 -9.34
N SER A 3 -16.60 13.71 -9.09
CA SER A 3 -15.58 12.98 -9.82
C SER A 3 -15.17 11.67 -9.14
N LEU A 4 -15.82 11.33 -8.02
CA LEU A 4 -15.30 10.27 -7.16
C LEU A 4 -15.32 8.91 -7.84
N LEU A 5 -16.42 8.57 -8.52
CA LEU A 5 -16.47 7.28 -9.21
C LEU A 5 -15.50 7.24 -10.37
N ASP A 6 -15.38 8.34 -11.11
CA ASP A 6 -14.42 8.39 -12.21
C ASP A 6 -13.02 8.16 -11.70
N ILE A 7 -12.69 8.75 -10.54
CA ILE A 7 -11.35 8.63 -9.97
C ILE A 7 -11.05 7.18 -9.58
N ILE A 8 -12.03 6.49 -9.02
CA ILE A 8 -11.84 5.08 -8.65
C ILE A 8 -11.40 4.24 -9.85
N TYR A 9 -12.04 4.45 -11.00
CA TYR A 9 -11.62 3.72 -12.19
C TYR A 9 -10.38 4.32 -12.83
N GLN A 10 -10.17 5.62 -12.67
CA GLN A 10 -9.01 6.23 -13.30
C GLN A 10 -7.70 5.76 -12.66
N LEU A 11 -7.75 5.24 -11.43
CA LEU A 11 -6.56 4.67 -10.80
C LEU A 11 -5.99 3.50 -11.58
N ARG A 12 -6.77 2.87 -12.44
CA ARG A 12 -6.22 1.83 -13.31
C ARG A 12 -5.23 2.39 -14.32
N GLN A 13 -5.28 3.69 -14.59
CA GLN A 13 -4.40 4.33 -15.58
C GLN A 13 -3.15 4.88 -14.94
N VAL A 14 -2.93 4.62 -13.65
CA VAL A 14 -1.76 5.08 -12.93
C VAL A 14 -0.83 3.87 -12.74
N PRO A 15 0.29 3.80 -13.45
CA PRO A 15 1.17 2.63 -13.31
C PRO A 15 2.15 2.78 -12.16
N ARG A 16 2.52 1.64 -11.60
CA ARG A 16 3.58 1.59 -10.60
C ARG A 16 4.87 1.09 -11.24
N TRP A 17 5.98 1.27 -10.50
CA TRP A 17 7.30 0.74 -10.89
C TRP A 17 7.87 1.38 -12.16
N ASP A 18 7.55 2.66 -12.40
CA ASP A 18 8.17 3.40 -13.50
C ASP A 18 9.68 3.20 -13.51
N GLY A 19 10.23 3.01 -14.71
CA GLY A 19 11.66 2.88 -14.87
C GLY A 19 12.20 1.49 -14.59
N SER A 20 11.36 0.53 -14.23
CA SER A 20 11.79 -0.84 -14.04
C SER A 20 11.06 -1.72 -15.05
N PHE A 21 11.79 -2.65 -15.65
CA PHE A 21 11.14 -3.67 -16.47
C PHE A 21 10.28 -4.57 -15.58
N GLN A 22 9.03 -4.77 -15.98
CA GLN A 22 8.11 -5.72 -15.33
C GLN A 22 7.58 -6.71 -16.35
N PHE A 23 7.56 -7.99 -16.00
CA PHE A 23 6.78 -8.94 -16.79
C PHE A 23 5.28 -8.71 -16.66
N GLU A 24 4.81 -8.16 -15.55
CA GLU A 24 3.40 -7.85 -15.40
C GLU A 24 3.26 -6.41 -14.93
N LYS A 25 2.58 -5.59 -15.72
CA LYS A 25 2.42 -4.18 -15.38
C LYS A 25 1.40 -4.05 -14.26
N GLU A 26 1.71 -3.22 -13.28
CA GLU A 26 0.88 -3.09 -12.10
C GLU A 26 0.31 -1.68 -12.02
N ASP A 27 -0.98 -1.57 -11.72
CA ASP A 27 -1.60 -0.26 -11.55
C ASP A 27 -1.99 -0.07 -10.10
N VAL A 28 -2.39 1.17 -9.78
CA VAL A 28 -2.68 1.51 -8.38
C VAL A 28 -3.92 0.78 -7.89
N SER A 29 -4.84 0.36 -8.76
CA SER A 29 -6.01 -0.33 -8.25
C SER A 29 -5.66 -1.74 -7.79
N GLN A 30 -4.84 -2.46 -8.56
CA GLN A 30 -4.39 -3.78 -8.15
C GLN A 30 -3.59 -3.71 -6.86
N HIS A 31 -2.66 -2.78 -6.80
CA HIS A 31 -1.88 -2.55 -5.58
C HIS A 31 -2.77 -2.23 -4.38
N SER A 32 -3.79 -1.39 -4.58
CA SER A 32 -4.63 -0.99 -3.45
C SER A 32 -5.49 -2.15 -2.97
N PHE A 33 -5.98 -2.97 -3.90
CA PHE A 33 -6.69 -4.18 -3.48
C PHE A 33 -5.81 -5.03 -2.57
N SER A 34 -4.56 -5.24 -2.97
CA SER A 34 -3.64 -6.07 -2.17
C SER A 34 -3.35 -5.42 -0.83
N VAL A 35 -3.22 -4.09 -0.81
CA VAL A 35 -2.92 -3.39 0.44
C VAL A 35 -4.10 -3.49 1.41
N ILE A 36 -5.34 -3.38 0.89
CA ILE A 36 -6.51 -3.57 1.76
C ILE A 36 -6.47 -4.95 2.41
N ALA A 37 -6.25 -6.00 1.60
CA ALA A 37 -6.25 -7.35 2.16
C ALA A 37 -5.07 -7.55 3.12
N ILE A 38 -3.90 -7.02 2.77
CA ILE A 38 -2.77 -7.17 3.69
C ILE A 38 -3.03 -6.41 4.99
N SER A 39 -3.57 -5.20 4.88
CA SER A 39 -3.91 -4.40 6.06
C SER A 39 -4.88 -5.14 6.97
N HIS A 40 -5.86 -5.83 6.39
CA HIS A 40 -6.77 -6.61 7.21
C HIS A 40 -6.04 -7.70 7.98
N ILE A 41 -5.18 -8.46 7.27
CA ILE A 41 -4.48 -9.59 7.90
C ILE A 41 -3.54 -9.09 8.99
N LEU A 42 -2.80 -8.03 8.71
CA LEU A 42 -1.91 -7.48 9.72
C LEU A 42 -2.70 -7.00 10.93
N CYS A 43 -3.87 -6.42 10.70
CA CYS A 43 -4.69 -5.95 11.80
C CYS A 43 -5.12 -7.08 12.72
N GLU A 44 -5.55 -8.21 12.14
CA GLU A 44 -5.96 -9.36 12.95
C GLU A 44 -4.80 -9.89 13.77
N LEU A 45 -3.61 -9.97 13.16
CA LEU A 45 -2.44 -10.45 13.89
C LEU A 45 -2.06 -9.48 15.00
N LYS A 46 -2.06 -8.19 14.69
CA LYS A 46 -1.70 -7.19 15.69
C LYS A 46 -2.69 -7.18 16.84
N GLU A 47 -3.99 -7.30 16.54
CA GLU A 47 -5.00 -7.30 17.60
C GLU A 47 -4.75 -8.43 18.59
N THR A 48 -4.48 -9.63 18.08
CA THR A 48 -4.27 -10.79 18.93
C THR A 48 -2.97 -10.68 19.73
N LEU A 49 -1.89 -10.22 19.09
CA LEU A 49 -0.60 -10.17 19.79
C LEU A 49 -0.53 -9.00 20.77
N GLU A 50 -0.95 -7.82 20.35
CA GLU A 50 -0.83 -6.63 21.17
C GLU A 50 -2.07 -6.38 22.02
N GLY A 51 -2.99 -7.34 22.06
CA GLY A 51 -4.14 -7.29 22.94
C GLY A 51 -5.02 -6.06 22.81
N LYS A 52 -5.68 -5.88 21.67
CA LYS A 52 -6.48 -4.68 21.42
C LYS A 52 -7.54 -4.99 20.37
N LYS A 53 -8.36 -3.99 20.09
CA LYS A 53 -9.30 -4.01 18.97
C LYS A 53 -9.11 -2.71 18.19
N ILE A 54 -8.85 -2.83 16.89
CA ILE A 54 -8.71 -1.69 16.00
C ILE A 54 -10.04 -1.46 15.27
N ASN A 55 -10.34 -0.20 14.93
CA ASN A 55 -11.55 0.10 14.18
C ASN A 55 -11.30 -0.28 12.73
N LYS A 56 -11.78 -1.45 12.32
CA LYS A 56 -11.44 -1.93 10.99
C LYS A 56 -12.15 -1.14 9.89
N GLU A 57 -13.33 -0.59 10.17
CA GLU A 57 -13.96 0.27 9.18
C GLU A 57 -12.99 1.36 8.71
N LYS A 58 -12.45 2.11 9.67
CA LYS A 58 -11.55 3.20 9.31
C LYS A 58 -10.24 2.68 8.71
N LEU A 59 -9.76 1.53 9.19
CA LEU A 59 -8.54 0.99 8.64
C LEU A 59 -8.72 0.59 7.18
N LEU A 60 -9.79 -0.14 6.89
CA LEU A 60 -10.01 -0.62 5.54
C LEU A 60 -10.29 0.53 4.57
N LEU A 61 -11.07 1.51 5.01
CA LEU A 61 -11.34 2.67 4.18
C LEU A 61 -10.08 3.49 3.94
N TYR A 62 -9.21 3.60 4.95
CA TYR A 62 -7.95 4.31 4.75
C TYR A 62 -7.05 3.56 3.75
N ALA A 63 -6.92 2.24 3.91
CA ALA A 63 -6.21 1.43 2.92
C ALA A 63 -6.82 1.60 1.54
N LEU A 64 -8.15 1.58 1.45
CA LEU A 64 -8.81 1.68 0.16
C LEU A 64 -8.38 2.94 -0.58
N TYR A 65 -8.37 4.08 0.11
CA TYR A 65 -8.08 5.36 -0.51
C TYR A 65 -6.66 5.84 -0.29
N HIS A 66 -5.77 4.99 0.26
CA HIS A 66 -4.48 5.48 0.71
C HIS A 66 -3.64 6.09 -0.41
N ASP A 67 -3.89 5.71 -1.66
CA ASP A 67 -3.11 6.24 -2.77
C ASP A 67 -3.99 6.96 -3.78
N VAL A 68 -5.19 7.36 -3.37
CA VAL A 68 -6.12 7.96 -4.32
C VAL A 68 -5.55 9.25 -4.90
N THR A 69 -4.70 9.96 -4.15
CA THR A 69 -4.17 11.20 -4.71
C THR A 69 -3.24 10.97 -5.89
N GLU A 70 -2.78 9.74 -6.11
CA GLU A 70 -1.94 9.48 -7.28
C GLU A 70 -2.71 9.57 -8.58
N VAL A 71 -4.04 9.75 -8.54
CA VAL A 71 -4.78 10.07 -9.76
C VAL A 71 -4.42 11.46 -10.25
N VAL A 72 -3.89 12.32 -9.38
CA VAL A 72 -3.39 13.64 -9.76
C VAL A 72 -1.87 13.67 -9.84
N SER A 73 -1.19 13.17 -8.81
CA SER A 73 0.27 13.23 -8.76
C SER A 73 0.93 12.18 -9.63
N THR A 74 0.19 11.16 -10.09
CA THR A 74 0.72 9.93 -10.64
C THR A 74 1.52 9.23 -9.55
N HIS A 75 2.08 8.08 -9.84
CA HIS A 75 2.82 7.31 -8.85
C HIS A 75 4.30 7.60 -8.98
N ILE A 76 4.85 8.35 -8.02
CA ILE A 76 6.27 8.69 -7.98
C ILE A 76 6.97 7.61 -7.16
N ILE A 77 7.91 6.89 -7.79
CA ILE A 77 8.60 5.81 -7.08
C ILE A 77 9.41 6.37 -5.91
N SER A 78 9.65 5.50 -4.91
CA SER A 78 10.23 5.96 -3.66
C SER A 78 11.69 6.43 -3.77
N PRO A 79 12.54 5.85 -4.63
CA PRO A 79 13.88 6.44 -4.82
C PRO A 79 13.84 7.90 -5.24
N VAL A 80 12.76 8.33 -5.88
CA VAL A 80 12.62 9.71 -6.31
C VAL A 80 11.96 10.55 -5.23
N LYS A 81 10.83 10.06 -4.71
CA LYS A 81 10.06 10.78 -3.71
C LYS A 81 10.82 10.96 -2.40
N LYS A 82 11.71 10.02 -2.08
CA LYS A 82 12.48 10.08 -0.83
C LYS A 82 13.76 10.90 -0.94
N ASN A 83 14.11 11.39 -2.14
CA ASN A 83 15.23 12.30 -2.25
C ASN A 83 14.99 13.53 -1.39
N SER A 84 16.05 13.98 -0.70
CA SER A 84 15.91 15.12 0.22
C SER A 84 15.37 16.35 -0.49
N ILE A 85 15.64 16.49 -1.80
CA ILE A 85 15.15 17.62 -2.55
C ILE A 85 13.63 17.58 -2.71
N LEU A 86 13.06 16.37 -2.79
CA LEU A 86 11.67 16.20 -3.16
C LEU A 86 10.77 15.76 -2.01
N LYS A 87 11.35 15.21 -0.94
CA LYS A 87 10.61 14.66 0.21
C LYS A 87 9.48 15.58 0.67
N ASP A 88 9.82 16.74 1.24
CA ASP A 88 8.78 17.63 1.74
C ASP A 88 7.88 18.18 0.66
N PRO A 89 8.39 18.69 -0.49
CA PRO A 89 7.46 19.20 -1.52
C PRO A 89 6.42 18.19 -1.97
N PHE A 90 6.78 16.92 -2.13
CA PHE A 90 5.79 15.94 -2.56
C PHE A 90 4.73 15.69 -1.50
N ASN A 91 5.11 15.72 -0.21
CA ASN A 91 4.10 15.59 0.83
C ASN A 91 3.19 16.80 0.85
N ALA A 92 3.75 18.00 0.66
CA ALA A 92 2.92 19.20 0.55
C ALA A 92 2.00 19.10 -0.65
N PHE A 93 2.52 18.64 -1.78
CA PHE A 93 1.70 18.45 -2.97
C PHE A 93 0.60 17.44 -2.70
N ARG A 94 0.95 16.31 -2.09
CA ARG A 94 -0.04 15.30 -1.74
C ARG A 94 -1.12 15.91 -0.84
N GLU A 95 -0.72 16.79 0.08
CA GLU A 95 -1.70 17.43 0.96
C GLU A 95 -2.61 18.37 0.17
N GLN A 96 -2.06 19.11 -0.80
CA GLN A 96 -2.89 19.98 -1.61
C GLN A 96 -3.95 19.19 -2.38
N ILE A 97 -3.57 18.02 -2.91
CA ILE A 97 -4.54 17.21 -3.64
C ILE A 97 -5.66 16.75 -2.72
N LYS A 98 -5.32 16.35 -1.50
CA LYS A 98 -6.33 15.92 -0.53
C LYS A 98 -7.40 16.99 -0.35
N ASN A 99 -6.97 18.22 -0.08
CA ASN A 99 -7.87 19.33 0.24
C ASN A 99 -8.71 19.79 -0.96
N SER A 100 -8.58 19.14 -2.12
CA SER A 100 -9.26 19.57 -3.32
C SER A 100 -10.10 18.50 -4.01
N LEU A 101 -9.94 17.22 -3.65
CA LEU A 101 -10.41 16.14 -4.52
C LEU A 101 -11.94 16.07 -4.58
N PHE A 102 -12.59 16.05 -3.43
CA PHE A 102 -14.00 15.66 -3.33
C PHE A 102 -14.88 16.89 -3.10
N ASP A 103 -15.60 17.30 -4.15
CA ASP A 103 -16.31 18.57 -4.14
C ASP A 103 -17.82 18.41 -4.12
N ASN A 104 -18.39 17.72 -5.10
CA ASN A 104 -19.84 17.79 -5.36
C ASN A 104 -20.57 16.61 -4.74
N LEU A 105 -20.49 16.49 -3.43
CA LEU A 105 -20.98 15.30 -2.75
C LEU A 105 -22.02 15.62 -1.69
N PRO A 106 -22.76 14.64 -1.19
CA PRO A 106 -23.54 14.84 0.04
C PRO A 106 -22.62 14.92 1.26
N ILE A 107 -23.07 15.67 2.27
CA ILE A 107 -22.27 15.84 3.48
C ILE A 107 -21.98 14.49 4.13
N THR A 108 -22.87 13.52 3.95
CA THR A 108 -22.57 12.15 4.38
C THR A 108 -21.31 11.64 3.70
N LEU A 109 -21.24 11.75 2.37
CA LEU A 109 -20.05 11.35 1.65
C LEU A 109 -18.92 12.35 1.86
N SER A 110 -19.22 13.64 1.69
CA SER A 110 -18.17 14.67 1.74
C SER A 110 -17.40 14.61 3.05
N ASP A 111 -18.12 14.64 4.17
CA ASP A 111 -17.46 14.56 5.47
C ASP A 111 -16.74 13.22 5.64
N THR A 112 -17.40 12.12 5.26
CA THR A 112 -16.78 10.81 5.43
C THR A 112 -15.54 10.66 4.56
N LEU A 113 -15.58 11.17 3.32
CA LEU A 113 -14.39 11.13 2.47
C LEU A 113 -13.27 11.98 3.04
N SER A 114 -13.60 13.19 3.50
CA SER A 114 -12.56 14.05 4.07
C SER A 114 -11.97 13.41 5.32
N THR A 115 -12.81 12.82 6.17
CA THR A 115 -12.33 12.11 7.35
C THR A 115 -11.31 11.05 6.97
N ILE A 116 -11.59 10.28 5.93
CA ILE A 116 -10.72 9.18 5.54
C ILE A 116 -9.38 9.72 5.05
N LEU A 117 -9.41 10.73 4.18
CA LEU A 117 -8.17 11.22 3.59
C LEU A 117 -7.28 11.89 4.63
N ASN A 118 -7.86 12.74 5.49
CA ASN A 118 -7.13 13.47 6.52
C ASN A 118 -7.08 12.73 7.85
N ASN A 119 -7.21 11.41 7.82
CA ASN A 119 -7.18 10.57 9.00
C ASN A 119 -5.95 10.85 9.86
N ASN A 120 -6.16 11.14 11.14
CA ASN A 120 -5.04 11.33 12.06
C ASN A 120 -4.91 10.20 13.06
N ASP A 121 -5.46 9.02 12.76
CA ASP A 121 -5.18 7.84 13.58
C ASP A 121 -3.82 7.31 13.19
N LEU A 122 -2.85 7.49 14.07
CA LEU A 122 -1.46 7.16 13.75
C LEU A 122 -1.26 5.66 13.59
N GLU A 123 -2.03 4.85 14.32
CA GLU A 123 -1.83 3.42 14.24
C GLU A 123 -2.38 2.86 12.93
N ILE A 124 -3.52 3.37 12.48
CA ILE A 124 -4.05 2.94 11.19
C ILE A 124 -3.09 3.33 10.08
N GLN A 125 -2.50 4.53 10.16
CA GLN A 125 -1.54 4.95 9.15
C GLN A 125 -0.32 4.04 9.14
N GLU A 126 0.11 3.60 10.31
CA GLU A 126 1.30 2.75 10.40
C GLU A 126 1.01 1.34 9.90
N ILE A 127 -0.21 0.84 10.13
CA ILE A 127 -0.54 -0.48 9.62
C ILE A 127 -0.55 -0.46 8.09
N VAL A 128 -1.16 0.57 7.50
CA VAL A 128 -1.23 0.67 6.05
C VAL A 128 0.16 0.91 5.46
N GLU A 129 1.00 1.69 6.15
CA GLU A 129 2.36 1.88 5.69
C GLU A 129 3.12 0.55 5.64
N HIS A 130 2.93 -0.28 6.66
CA HIS A 130 3.56 -1.60 6.66
C HIS A 130 2.96 -2.49 5.58
N ALA A 131 1.65 -2.47 5.42
CA ALA A 131 1.02 -3.25 4.36
C ALA A 131 1.56 -2.83 3.01
N ASP A 132 1.75 -1.52 2.83
CA ASP A 132 2.32 -0.97 1.61
C ASP A 132 3.72 -1.52 1.34
N HIS A 133 4.54 -1.63 2.39
CA HIS A 133 5.86 -2.21 2.22
C HIS A 133 5.78 -3.70 1.92
N VAL A 134 4.91 -4.42 2.62
CA VAL A 134 4.72 -5.83 2.33
C VAL A 134 4.33 -6.03 0.86
N ASP A 135 3.37 -5.23 0.37
CA ASP A 135 2.93 -5.41 -1.00
C ASP A 135 4.06 -5.19 -1.99
N ALA A 136 4.86 -4.15 -1.75
CA ALA A 136 6.03 -3.90 -2.61
C ALA A 136 6.99 -5.09 -2.58
N TYR A 137 7.22 -5.66 -1.40
CA TYR A 137 8.06 -6.85 -1.30
C TYR A 137 7.47 -8.01 -2.09
N CYS A 138 6.16 -8.24 -1.92
CA CYS A 138 5.49 -9.34 -2.61
C CYS A 138 5.55 -9.19 -4.13
N LYS A 139 5.27 -7.98 -4.63
CA LYS A 139 5.44 -7.74 -6.05
C LYS A 139 6.85 -8.10 -6.50
N SER A 140 7.86 -7.68 -5.73
CA SER A 140 9.23 -7.96 -6.10
C SER A 140 9.49 -9.46 -6.08
N CYS A 141 8.85 -10.20 -5.14
CA CYS A 141 8.98 -11.65 -5.11
C CYS A 141 8.36 -12.29 -6.35
N ILE A 142 7.20 -11.79 -6.78
CA ILE A 142 6.55 -12.38 -7.93
C ILE A 142 7.39 -12.13 -9.17
N GLU A 143 7.89 -10.90 -9.34
CA GLU A 143 8.71 -10.62 -10.51
C GLU A 143 9.96 -11.50 -10.54
N VAL A 144 10.66 -11.60 -9.41
CA VAL A 144 11.83 -12.50 -9.35
C VAL A 144 11.42 -13.92 -9.70
N HIS A 145 10.28 -14.38 -9.18
CA HIS A 145 9.77 -15.71 -9.46
C HIS A 145 9.52 -15.90 -10.94
N ARG A 146 8.99 -14.88 -11.61
CA ARG A 146 8.80 -14.92 -13.06
C ARG A 146 10.10 -15.03 -13.83
N GLY A 147 11.22 -14.75 -13.19
CA GLY A 147 12.51 -14.76 -13.83
C GLY A 147 13.08 -13.41 -14.12
N ASN A 148 12.57 -12.36 -13.47
CA ASN A 148 12.96 -10.98 -13.75
C ASN A 148 14.16 -10.64 -12.88
N LYS A 149 15.36 -10.80 -13.45
CA LYS A 149 16.58 -10.54 -12.69
C LYS A 149 16.68 -9.10 -12.26
N ASP A 150 16.02 -8.18 -12.98
CA ASP A 150 16.08 -6.76 -12.65
C ASP A 150 15.40 -6.45 -11.32
N PHE A 151 14.58 -7.34 -10.78
CA PHE A 151 13.96 -7.10 -9.47
C PHE A 151 14.72 -7.76 -8.32
N ILE A 152 15.82 -8.45 -8.59
CA ILE A 152 16.56 -9.13 -7.53
C ILE A 152 17.05 -8.12 -6.50
N SER A 153 17.72 -7.06 -6.97
CA SER A 153 18.21 -6.02 -6.05
C SER A 153 17.07 -5.26 -5.40
N ILE A 154 15.92 -5.14 -6.08
CA ILE A 154 14.75 -4.52 -5.49
C ILE A 154 14.22 -5.40 -4.36
N GLN A 155 14.08 -6.70 -4.62
CA GLN A 155 13.64 -7.63 -3.60
C GLN A 155 14.56 -7.62 -2.40
N ARG A 156 15.87 -7.52 -2.65
CA ARG A 156 16.85 -7.57 -1.55
C ARG A 156 16.72 -6.36 -0.65
N SER A 157 16.58 -5.16 -1.21
CA SER A 157 16.50 -4.00 -0.34
C SER A 157 15.15 -3.96 0.38
N LEU A 158 14.07 -4.30 -0.32
CA LEU A 158 12.77 -4.40 0.34
C LEU A 158 12.77 -5.48 1.41
N GLY A 159 13.42 -6.62 1.13
CA GLY A 159 13.52 -7.68 2.12
C GLY A 159 14.35 -7.28 3.33
N ASP A 160 15.43 -6.54 3.10
CA ASP A 160 16.26 -6.06 4.20
C ASP A 160 15.48 -5.08 5.09
N LYS A 161 14.77 -4.13 4.48
CA LYS A 161 13.94 -3.23 5.26
C LYS A 161 12.84 -3.99 5.99
N LEU A 162 12.27 -5.02 5.35
CA LEU A 162 11.24 -5.79 6.03
C LEU A 162 11.81 -6.54 7.22
N ASP A 163 12.98 -7.16 7.06
CA ASP A 163 13.62 -7.88 8.16
C ASP A 163 13.80 -6.98 9.37
N ASN A 164 14.34 -5.78 9.16
CA ASN A 164 14.52 -4.83 10.26
C ASN A 164 13.18 -4.46 10.90
N LEU A 165 12.14 -4.27 10.08
CA LEU A 165 10.84 -3.95 10.68
C LEU A 165 10.31 -5.11 11.52
N THR A 166 10.59 -6.35 11.13
CA THR A 166 10.12 -7.47 11.94
C THR A 166 10.79 -7.51 13.32
N LYS A 167 11.98 -6.92 13.46
CA LYS A 167 12.60 -6.90 14.78
C LYS A 167 11.91 -5.93 15.73
N GLU A 168 11.13 -4.99 15.21
CA GLU A 168 10.49 -3.98 16.02
C GLU A 168 8.98 -4.11 16.11
N TYR A 169 8.36 -4.83 15.17
CA TYR A 169 6.90 -4.98 15.13
C TYR A 169 6.59 -6.47 15.07
N PRO A 170 6.27 -7.10 16.20
CA PRO A 170 6.08 -8.55 16.19
C PRO A 170 4.94 -9.03 15.29
N TYR A 171 3.90 -8.21 15.07
CA TYR A 171 2.86 -8.68 14.16
C TYR A 171 3.39 -8.81 12.74
N LEU A 172 4.40 -8.02 12.36
CA LEU A 172 5.00 -8.19 11.04
C LEU A 172 5.82 -9.46 10.98
N LYS A 173 6.51 -9.80 12.08
CA LYS A 173 7.27 -11.04 12.09
C LYS A 173 6.34 -12.23 11.94
N GLU A 174 5.22 -12.19 12.65
CA GLU A 174 4.23 -13.26 12.52
C GLU A 174 3.72 -13.35 11.09
N PHE A 175 3.38 -12.20 10.49
CA PHE A 175 2.97 -12.21 9.09
C PHE A 175 4.04 -12.85 8.21
N GLN A 176 5.29 -12.43 8.40
CA GLN A 176 6.39 -13.02 7.65
C GLN A 176 6.43 -14.53 7.81
N ASN A 177 6.23 -15.01 9.04
CA ASN A 177 6.28 -16.45 9.28
C ASN A 177 5.10 -17.19 8.66
N LEU A 178 3.94 -16.56 8.59
CA LEU A 178 2.80 -17.27 8.03
C LEU A 178 2.80 -17.28 6.51
N PHE A 179 3.32 -16.24 5.85
CA PHE A 179 3.07 -16.06 4.43
C PHE A 179 4.31 -15.78 3.58
N LEU A 180 5.34 -15.16 4.16
CA LEU A 180 6.42 -14.57 3.39
C LEU A 180 7.67 -15.42 3.35
N LYS A 181 7.56 -16.70 3.69
CA LYS A 181 8.72 -17.56 3.64
C LYS A 181 8.75 -18.42 2.38
N ASP A 182 7.59 -18.83 1.88
CA ASP A 182 7.47 -19.44 0.55
C ASP A 182 6.49 -18.58 -0.23
N PHE A 183 6.99 -17.51 -0.86
CA PHE A 183 6.14 -16.64 -1.65
C PHE A 183 6.82 -16.20 -2.93
N PRO A 184 6.12 -16.33 -4.06
CA PRO A 184 4.79 -16.94 -4.18
C PRO A 184 4.89 -18.46 -4.17
N LEU A 185 3.76 -19.16 -4.10
CA LEU A 185 3.77 -20.61 -4.10
C LEU A 185 4.05 -21.14 -5.51
N GLU A 186 4.98 -22.08 -5.63
CA GLU A 186 5.16 -22.70 -6.94
C GLU A 186 4.01 -23.64 -7.28
N ASN A 187 3.46 -24.32 -6.28
CA ASN A 187 2.37 -25.26 -6.45
C ASN A 187 1.11 -24.67 -5.83
N LYS A 188 0.21 -24.20 -6.69
CA LYS A 188 -1.08 -23.64 -6.29
C LYS A 188 -2.07 -24.79 -6.07
N ASN A 189 -1.77 -25.60 -5.04
CA ASN A 189 -2.57 -26.79 -4.78
C ASN A 189 -4.03 -26.45 -4.53
N TYR A 190 -4.31 -25.26 -4.03
CA TYR A 190 -5.70 -24.87 -3.74
C TYR A 190 -6.58 -24.79 -4.97
N ARG A 191 -6.01 -24.76 -6.18
CA ARG A 191 -6.82 -24.74 -7.40
C ARG A 191 -7.41 -26.11 -7.72
N TYR A 192 -6.95 -27.17 -7.05
CA TYR A 192 -7.29 -28.53 -7.48
C TYR A 192 -7.88 -29.35 -6.30
#